data_6LMJ
#
_entry.id   6LMJ
#
_cell.length_a   82.358
_cell.length_b   89.095
_cell.length_c   53.227
_cell.angle_alpha   90.00
_cell.angle_beta   100.16
_cell.angle_gamma   90.00
#
_symmetry.space_group_name_H-M   'C 1 2 1'
#
loop_
_entity.id
_entity.type
_entity.pdbx_description
1 polymer A104R
2 polymer "DNA (5'-D(*TP*GP*CP*TP*TP*AP*TP*CP*AP*AP*TP*TP*TP*GP*TP*TP*GP*CP*A)-3')"
3 water water
#
loop_
_entity_poly.entity_id
_entity_poly.type
_entity_poly.pdbx_seq_one_letter_code
_entity_poly.pdbx_strand_id
1 'polypeptide(L)'
;HHHHHHMSTKKKPTITKQELYSLVAADTQLNKALIERIFTSQQKIIQNALKHNQEVIIPPGIKFTVVTVKAKPARQGHNP
ATGEPIQIKAKPEHKAVKIRALKPVHDMLN
;
A,B
2 'polydeoxyribonucleotide' (DT)(DG)(DC)(DT)(DT)(DA)(DT)(DC)(DA)(DA)(DT)(DT)(DT)(DG)(DT)(DT)(DG)(DC)(DA) C,D
#
loop_
_chem_comp.id
_chem_comp.type
_chem_comp.name
_chem_comp.formula
DA DNA linking 2'-DEOXYADENOSINE-5'-MONOPHOSPHATE 'C10 H14 N5 O6 P'
DC DNA linking 2'-DEOXYCYTIDINE-5'-MONOPHOSPHATE 'C9 H14 N3 O7 P'
DG DNA linking 2'-DEOXYGUANOSINE-5'-MONOPHOSPHATE 'C10 H14 N5 O7 P'
DT DNA linking THYMIDINE-5'-MONOPHOSPHATE 'C10 H15 N2 O8 P'
#
# COMPACT_ATOMS: atom_id res chain seq x y z
N LYS A 12 -10.69 18.61 2.78
CA LYS A 12 -11.40 17.60 2.00
C LYS A 12 -11.56 16.32 2.83
N PRO A 13 -12.73 15.70 2.76
CA PRO A 13 -12.94 14.45 3.49
C PRO A 13 -12.03 13.34 2.98
N THR A 14 -11.91 12.29 3.77
CA THR A 14 -11.07 11.14 3.45
C THR A 14 -11.92 9.89 3.39
N ILE A 15 -11.77 9.11 2.31
CA ILE A 15 -12.51 7.87 2.18
C ILE A 15 -11.90 6.82 3.08
N THR A 16 -12.64 6.41 4.11
CA THR A 16 -12.36 5.29 4.99
C THR A 16 -12.70 3.99 4.27
N LYS A 17 -12.18 2.86 4.77
CA LYS A 17 -12.46 1.59 4.12
C LYS A 17 -13.93 1.20 4.25
N GLN A 18 -14.60 1.65 5.32
CA GLN A 18 -16.03 1.41 5.46
C GLN A 18 -16.83 2.13 4.38
N GLU A 19 -16.63 3.43 4.22
CA GLU A 19 -17.31 4.14 3.14
C GLU A 19 -16.76 3.74 1.78
N LEU A 20 -15.55 3.15 1.72
CA LEU A 20 -15.06 2.59 0.48
C LEU A 20 -15.85 1.35 0.09
N TYR A 21 -16.18 0.50 1.07
CA TYR A 21 -17.04 -0.65 0.80
C TYR A 21 -18.35 -0.22 0.16
N SER A 22 -18.95 0.85 0.67
CA SER A 22 -20.23 1.31 0.14
C SER A 22 -20.08 1.88 -1.26
N LEU A 23 -19.01 2.63 -1.51
CA LEU A 23 -18.72 3.10 -2.86
C LEU A 23 -18.56 1.93 -3.83
N VAL A 24 -17.83 0.90 -3.40
CA VAL A 24 -17.66 -0.29 -4.22
C VAL A 24 -18.99 -1.03 -4.36
N ALA A 25 -19.74 -1.14 -3.25
CA ALA A 25 -20.98 -1.90 -3.27
C ALA A 25 -22.03 -1.27 -4.19
N ALA A 26 -22.05 0.05 -4.27
CA ALA A 26 -23.01 0.70 -5.17
C ALA A 26 -22.56 0.63 -6.62
N ASP A 27 -21.26 0.83 -6.86
CA ASP A 27 -20.75 0.86 -8.23
C ASP A 27 -20.89 -0.50 -8.91
N THR A 28 -20.83 -1.59 -8.15
CA THR A 28 -20.96 -2.93 -8.70
C THR A 28 -22.37 -3.49 -8.58
N GLN A 29 -23.29 -2.75 -7.99
CA GLN A 29 -24.67 -3.20 -7.78
C GLN A 29 -24.70 -4.55 -7.06
N LEU A 30 -24.06 -4.57 -5.90
CA LEU A 30 -23.98 -5.76 -5.06
C LEU A 30 -24.09 -5.34 -3.61
N ASN A 31 -24.52 -6.29 -2.77
CA ASN A 31 -24.66 -6.01 -1.35
C ASN A 31 -23.31 -5.66 -0.73
N LYS A 32 -23.34 -4.74 0.23
CA LYS A 32 -22.13 -4.35 0.94
C LYS A 32 -21.54 -5.52 1.73
N ALA A 33 -22.37 -6.50 2.09
CA ALA A 33 -21.88 -7.65 2.85
C ALA A 33 -20.93 -8.50 2.03
N LEU A 34 -21.27 -8.76 0.76
CA LEU A 34 -20.39 -9.56 -0.09
C LEU A 34 -19.10 -8.80 -0.40
N ILE A 35 -19.19 -7.48 -0.61
CA ILE A 35 -17.99 -6.67 -0.84
C ILE A 35 -17.01 -6.85 0.30
N GLU A 36 -17.51 -6.90 1.53
CA GLU A 36 -16.64 -7.05 2.70
C GLU A 36 -16.18 -8.50 2.86
N ARG A 37 -17.06 -9.47 2.56
CA ARG A 37 -16.68 -10.87 2.66
C ARG A 37 -15.47 -11.20 1.80
N ILE A 38 -15.25 -10.43 0.73
CA ILE A 38 -14.13 -10.66 -0.16
C ILE A 38 -12.88 -9.92 0.30
N PHE A 39 -13.02 -8.67 0.76
CA PHE A 39 -11.88 -7.96 1.30
C PHE A 39 -11.41 -8.60 2.60
N THR A 40 -12.33 -9.11 3.41
CA THR A 40 -11.94 -9.89 4.59
C THR A 40 -11.17 -11.13 4.18
N SER A 41 -11.63 -11.82 3.13
CA SER A 41 -10.90 -12.97 2.62
C SER A 41 -9.53 -12.56 2.09
N GLN A 42 -9.45 -11.43 1.40
CA GLN A 42 -8.16 -10.92 0.95
C GLN A 42 -7.23 -10.65 2.13
N GLN A 43 -7.78 -10.19 3.26
CA GLN A 43 -6.96 -9.97 4.45
C GLN A 43 -6.44 -11.28 5.01
N LYS A 44 -7.25 -12.34 4.94
CA LYS A 44 -6.80 -13.65 5.40
C LYS A 44 -5.64 -14.17 4.57
N ILE A 45 -5.78 -14.12 3.24
CA ILE A 45 -4.75 -14.65 2.35
C ILE A 45 -3.44 -13.87 2.53
N ILE A 46 -3.52 -12.55 2.56
CA ILE A 46 -2.32 -11.72 2.69
C ILE A 46 -1.55 -12.07 3.96
N GLN A 47 -2.27 -12.18 5.08
CA GLN A 47 -1.62 -12.46 6.36
C GLN A 47 -0.97 -13.84 6.37
N ASN A 48 -1.68 -14.86 5.88
CA ASN A 48 -1.13 -16.21 5.81
C ASN A 48 0.18 -16.22 5.03
N ALA A 49 0.26 -15.43 3.96
CA ALA A 49 1.47 -15.41 3.14
C ALA A 49 2.64 -14.80 3.90
N LEU A 50 2.43 -13.68 4.58
CA LEU A 50 3.52 -13.00 5.27
C LEU A 50 4.03 -13.83 6.45
N LYS A 51 3.13 -14.39 7.24
CA LYS A 51 3.54 -15.29 8.32
C LYS A 51 4.26 -16.51 7.78
N HIS A 52 4.02 -16.88 6.52
CA HIS A 52 4.75 -17.96 5.87
C HIS A 52 5.84 -17.43 4.93
N ASN A 53 6.35 -16.25 5.22
CA ASN A 53 7.53 -15.68 4.56
C ASN A 53 7.42 -15.71 3.04
N GLN A 54 6.33 -15.11 2.54
CA GLN A 54 6.09 -15.05 1.11
C GLN A 54 5.53 -13.69 0.75
N GLU A 55 6.07 -13.10 -0.32
CA GLU A 55 5.55 -11.85 -0.82
C GLU A 55 4.22 -12.06 -1.53
N VAL A 56 3.46 -10.98 -1.67
CA VAL A 56 2.17 -11.03 -2.34
C VAL A 56 1.86 -9.65 -2.88
N ILE A 57 1.38 -9.61 -4.12
CA ILE A 57 0.96 -8.38 -4.79
C ILE A 57 -0.55 -8.34 -4.82
N ILE A 58 -1.12 -7.20 -4.45
CA ILE A 58 -2.57 -7.03 -4.46
C ILE A 58 -2.93 -5.91 -5.44
N PRO A 59 -4.14 -5.90 -6.00
CA PRO A 59 -4.60 -4.70 -6.68
C PRO A 59 -4.75 -3.56 -5.69
N PRO A 60 -4.52 -2.31 -6.11
CA PRO A 60 -4.26 -1.86 -7.48
C PRO A 60 -2.79 -1.93 -7.91
N GLY A 61 -2.05 -2.89 -7.37
CA GLY A 61 -0.63 -2.96 -7.67
C GLY A 61 0.27 -2.60 -6.51
N ILE A 62 -0.04 -3.10 -5.32
CA ILE A 62 0.79 -2.91 -4.14
C ILE A 62 1.41 -4.25 -3.76
N LYS A 63 2.71 -4.23 -3.45
CA LYS A 63 3.46 -5.43 -3.12
C LYS A 63 3.74 -5.46 -1.62
N PHE A 64 3.59 -6.63 -1.02
CA PHE A 64 3.78 -6.82 0.42
C PHE A 64 5.05 -7.64 0.66
N THR A 65 5.98 -7.07 1.43
CA THR A 65 7.19 -7.77 1.83
C THR A 65 7.37 -7.65 3.33
N VAL A 66 7.74 -8.75 3.98
CA VAL A 66 8.06 -8.75 5.40
C VAL A 66 9.55 -8.54 5.55
N VAL A 67 9.93 -7.53 6.32
CA VAL A 67 11.32 -7.09 6.46
C VAL A 67 11.64 -7.00 7.95
N THR A 68 12.93 -6.83 8.25
CA THR A 68 13.42 -6.70 9.62
C THR A 68 14.05 -5.32 9.78
N VAL A 69 13.77 -4.69 10.92
CA VAL A 69 14.31 -3.38 11.25
C VAL A 69 15.37 -3.56 12.33
N LYS A 70 16.35 -2.66 12.33
CA LYS A 70 17.47 -2.74 13.26
C LYS A 70 17.26 -1.82 14.45
N ALA A 71 17.69 -2.28 15.62
CA ALA A 71 17.30 -1.67 16.89
C ALA A 71 17.73 -0.21 16.97
N LYS A 72 16.96 0.56 17.73
CA LYS A 72 17.32 1.94 17.98
C LYS A 72 17.28 2.22 19.47
N PRO A 73 18.25 2.99 19.98
CA PRO A 73 18.35 3.21 21.42
C PRO A 73 17.36 4.23 21.93
N ALA A 74 17.47 4.57 23.21
CA ALA A 74 16.67 5.65 23.76
C ALA A 74 17.30 6.99 23.43
N ARG A 75 16.50 8.04 23.56
CA ARG A 75 16.97 9.40 23.37
C ARG A 75 16.04 10.32 24.16
N GLN A 76 16.60 11.37 24.73
CA GLN A 76 15.84 12.30 25.54
C GLN A 76 15.25 13.38 24.64
N GLY A 77 13.93 13.32 24.46
CA GLY A 77 13.24 14.30 23.65
C GLY A 77 12.87 15.54 24.45
N HIS A 78 12.15 16.44 23.79
CA HIS A 78 11.71 17.68 24.41
C HIS A 78 10.49 18.18 23.67
N ASN A 79 9.33 18.08 24.30
CA ASN A 79 8.11 18.59 23.67
C ASN A 79 8.15 20.11 23.68
N PRO A 80 8.16 20.77 22.52
CA PRO A 80 8.29 22.24 22.49
C PRO A 80 7.04 22.97 22.97
N ALA A 81 5.88 22.32 22.96
CA ALA A 81 4.68 22.95 23.51
C ALA A 81 4.69 22.94 25.03
N THR A 82 5.11 21.83 25.62
CA THR A 82 5.04 21.67 27.06
C THR A 82 6.15 22.44 27.77
N GLY A 83 7.36 22.41 27.23
CA GLY A 83 8.55 22.56 28.04
C GLY A 83 9.02 21.26 28.67
N GLU A 84 8.23 20.19 28.55
CA GLU A 84 8.58 18.89 29.10
C GLU A 84 9.81 18.35 28.42
N PRO A 85 10.83 17.91 29.17
CA PRO A 85 11.78 16.93 28.63
C PRO A 85 11.14 15.54 28.71
N ILE A 86 10.97 14.91 27.56
CA ILE A 86 10.29 13.63 27.49
C ILE A 86 11.30 12.55 27.13
N GLN A 87 10.92 11.30 27.42
CA GLN A 87 11.78 10.15 27.22
C GLN A 87 11.17 9.19 26.21
N ILE A 88 12.00 8.71 25.30
CA ILE A 88 11.63 7.65 24.37
C ILE A 88 12.13 6.33 24.93
N LYS A 89 11.38 5.26 24.70
CA LYS A 89 11.83 3.92 25.06
C LYS A 89 12.56 3.32 23.87
N ALA A 90 13.80 2.87 24.11
CA ALA A 90 14.57 2.22 23.07
C ALA A 90 13.77 1.09 22.43
N LYS A 91 13.81 1.03 21.10
CA LYS A 91 13.04 0.02 20.39
C LYS A 91 13.94 -1.07 19.85
N PRO A 92 13.74 -2.31 20.26
CA PRO A 92 14.63 -3.41 19.87
C PRO A 92 14.44 -3.87 18.43
N GLU A 93 15.12 -4.96 18.05
CA GLU A 93 14.87 -5.55 16.75
C GLU A 93 13.52 -6.26 16.75
N HIS A 94 12.90 -6.30 15.58
CA HIS A 94 11.58 -6.89 15.41
C HIS A 94 11.30 -7.02 13.91
N LYS A 95 10.20 -7.70 13.60
CA LYS A 95 9.73 -7.84 12.23
C LYS A 95 8.69 -6.77 11.93
N ALA A 96 8.57 -6.43 10.66
CA ALA A 96 7.62 -5.44 10.20
C ALA A 96 7.40 -5.65 8.70
N VAL A 97 6.15 -5.50 8.28
CA VAL A 97 5.83 -5.63 6.87
C VAL A 97 5.92 -4.26 6.20
N LYS A 98 6.49 -4.23 5.00
CA LYS A 98 6.68 -3.01 4.22
C LYS A 98 5.92 -3.16 2.91
N ILE A 99 5.33 -2.07 2.45
CA ILE A 99 4.63 -2.05 1.18
C ILE A 99 5.39 -1.17 0.20
N ARG A 100 5.06 -1.30 -1.08
CA ARG A 100 5.77 -0.58 -2.12
C ARG A 100 4.81 -0.32 -3.28
N ALA A 101 4.71 0.94 -3.67
CA ALA A 101 3.79 1.35 -4.74
C ALA A 101 4.37 0.93 -6.08
N LEU A 102 3.87 -0.18 -6.64
CA LEU A 102 4.24 -0.52 -8.01
C LEU A 102 3.67 0.53 -8.96
N LYS A 103 4.33 0.70 -10.10
CA LYS A 103 4.02 1.81 -10.99
C LYS A 103 2.60 1.81 -11.58
N PRO A 104 1.90 0.65 -11.70
CA PRO A 104 0.48 0.73 -12.05
C PRO A 104 -0.32 1.65 -11.13
N VAL A 105 0.21 1.91 -9.95
CA VAL A 105 -0.44 2.81 -9.01
C VAL A 105 -0.12 4.28 -9.30
N HIS A 106 1.10 4.57 -9.75
CA HIS A 106 1.43 5.95 -10.13
C HIS A 106 0.73 6.35 -11.43
N ASP A 107 0.41 5.38 -12.28
CA ASP A 107 -0.31 5.66 -13.52
C ASP A 107 -1.75 6.11 -13.28
N MET A 108 -2.26 5.97 -12.05
CA MET A 108 -3.61 6.42 -11.76
C MET A 108 -3.75 7.93 -11.90
N LEU A 109 -2.64 8.67 -11.89
CA LEU A 109 -2.64 10.11 -12.12
C LEU A 109 -2.35 10.46 -13.58
N ASN A 110 -2.63 9.53 -14.49
CA ASN A 110 -2.42 9.78 -15.92
C ASN A 110 -3.75 9.88 -16.66
N PRO B 13 7.89 -18.06 -4.79
CA PRO B 13 7.10 -17.16 -3.93
C PRO B 13 6.45 -16.04 -4.74
N THR B 14 6.26 -14.88 -4.11
CA THR B 14 5.76 -13.67 -4.78
C THR B 14 4.42 -13.97 -5.48
N ILE B 15 3.42 -14.22 -4.64
CA ILE B 15 2.08 -14.52 -5.14
C ILE B 15 1.57 -13.34 -5.94
N THR B 16 1.22 -13.58 -7.20
CA THR B 16 0.78 -12.53 -8.11
C THR B 16 -0.67 -12.16 -7.83
N LYS B 17 -1.13 -11.09 -8.50
CA LYS B 17 -2.52 -10.67 -8.37
C LYS B 17 -3.47 -11.69 -8.99
N GLN B 18 -3.09 -12.24 -10.15
CA GLN B 18 -3.90 -13.29 -10.75
C GLN B 18 -3.99 -14.52 -9.85
N GLU B 19 -2.88 -14.87 -9.21
CA GLU B 19 -2.92 -15.93 -8.20
C GLU B 19 -3.73 -15.51 -6.99
N LEU B 20 -3.71 -14.21 -6.66
CA LEU B 20 -4.48 -13.73 -5.51
C LEU B 20 -5.98 -13.76 -5.80
N TYR B 21 -6.38 -13.33 -6.99
CA TYR B 21 -7.77 -13.47 -7.41
C TYR B 21 -8.23 -14.91 -7.23
N SER B 22 -7.46 -15.87 -7.78
CA SER B 22 -7.80 -17.27 -7.62
C SER B 22 -7.77 -17.69 -6.16
N LEU B 23 -6.75 -17.25 -5.41
CA LEU B 23 -6.65 -17.59 -3.99
C LEU B 23 -7.88 -17.11 -3.23
N VAL B 24 -8.36 -15.91 -3.53
CA VAL B 24 -9.54 -15.39 -2.86
C VAL B 24 -10.81 -16.06 -3.39
N ALA B 25 -10.91 -16.23 -4.71
CA ALA B 25 -12.10 -16.82 -5.30
C ALA B 25 -12.36 -18.22 -4.75
N ALA B 26 -11.30 -19.00 -4.51
CA ALA B 26 -11.46 -20.34 -3.98
C ALA B 26 -11.95 -20.29 -2.54
N ASP B 27 -11.34 -19.43 -1.71
CA ASP B 27 -11.71 -19.36 -0.30
C ASP B 27 -13.16 -18.95 -0.13
N THR B 28 -13.59 -17.90 -0.82
CA THR B 28 -14.96 -17.42 -0.71
C THR B 28 -15.97 -18.33 -1.40
N GLN B 29 -15.51 -19.33 -2.16
CA GLN B 29 -16.37 -20.17 -2.98
C GLN B 29 -17.20 -19.31 -3.94
N LEU B 30 -16.48 -18.56 -4.77
CA LEU B 30 -17.08 -17.64 -5.72
C LEU B 30 -16.28 -17.64 -7.00
N ASN B 31 -16.94 -17.25 -8.09
CA ASN B 31 -16.28 -17.17 -9.39
C ASN B 31 -15.21 -16.10 -9.38
N LYS B 32 -14.08 -16.39 -10.03
CA LYS B 32 -12.99 -15.43 -10.11
C LYS B 32 -13.40 -14.19 -10.90
N ALA B 33 -14.36 -14.34 -11.83
CA ALA B 33 -14.80 -13.19 -12.61
C ALA B 33 -15.44 -12.13 -11.73
N LEU B 34 -16.19 -12.56 -10.70
CA LEU B 34 -16.73 -11.60 -9.74
C LEU B 34 -15.63 -11.00 -8.89
N ILE B 35 -14.63 -11.81 -8.52
CA ILE B 35 -13.52 -11.32 -7.70
C ILE B 35 -12.81 -10.17 -8.39
N GLU B 36 -12.44 -10.37 -9.66
CA GLU B 36 -11.81 -9.29 -10.43
C GLU B 36 -12.78 -8.13 -10.63
N ARG B 37 -14.06 -8.44 -10.81
CA ARG B 37 -15.07 -7.41 -10.98
C ARG B 37 -15.08 -6.45 -9.79
N ILE B 38 -15.14 -7.01 -8.58
CA ILE B 38 -15.17 -6.17 -7.37
C ILE B 38 -13.88 -5.38 -7.23
N PHE B 39 -12.74 -6.00 -7.57
CA PHE B 39 -11.46 -5.33 -7.42
C PHE B 39 -11.25 -4.29 -8.52
N THR B 40 -11.73 -4.56 -9.72
CA THR B 40 -11.58 -3.59 -10.81
C THR B 40 -12.26 -2.27 -10.47
N SER B 41 -13.45 -2.34 -9.86
CA SER B 41 -14.15 -1.12 -9.47
C SER B 41 -13.43 -0.41 -8.33
N GLN B 42 -13.01 -1.16 -7.31
CA GLN B 42 -12.21 -0.57 -6.24
C GLN B 42 -11.07 0.26 -6.83
N GLN B 43 -10.38 -0.30 -7.83
CA GLN B 43 -9.33 0.44 -8.52
C GLN B 43 -9.84 1.78 -9.06
N LYS B 44 -10.98 1.76 -9.75
CA LYS B 44 -11.53 3.00 -10.30
C LYS B 44 -11.85 3.99 -9.19
N ILE B 45 -12.47 3.52 -8.11
CA ILE B 45 -12.76 4.38 -6.96
C ILE B 45 -11.51 5.11 -6.51
N ILE B 46 -10.39 4.37 -6.41
CA ILE B 46 -9.14 4.98 -5.95
C ILE B 46 -8.68 6.04 -6.94
N GLN B 47 -8.60 5.68 -8.23
CA GLN B 47 -8.08 6.60 -9.23
C GLN B 47 -8.89 7.88 -9.30
N ASN B 48 -10.22 7.76 -9.39
CA ASN B 48 -11.07 8.94 -9.45
C ASN B 48 -10.94 9.79 -8.19
N ALA B 49 -10.70 9.16 -7.05
CA ALA B 49 -10.53 9.91 -5.80
C ALA B 49 -9.23 10.70 -5.82
N LEU B 50 -8.11 10.04 -6.09
CA LEU B 50 -6.83 10.73 -6.16
C LEU B 50 -6.83 11.80 -7.24
N LYS B 51 -7.54 11.56 -8.34
CA LYS B 51 -7.65 12.58 -9.39
C LYS B 51 -8.38 13.82 -8.88
N HIS B 52 -9.27 13.65 -7.90
CA HIS B 52 -9.97 14.76 -7.27
C HIS B 52 -9.29 15.19 -5.97
N ASN B 53 -8.02 14.82 -5.77
CA ASN B 53 -7.22 15.26 -4.63
C ASN B 53 -7.83 14.82 -3.30
N GLN B 54 -8.34 13.61 -3.27
CA GLN B 54 -8.85 13.01 -2.04
C GLN B 54 -7.81 12.05 -1.45
N GLU B 55 -8.04 11.66 -0.21
CA GLU B 55 -7.30 10.61 0.46
C GLU B 55 -8.20 9.39 0.63
N VAL B 56 -7.64 8.20 0.44
CA VAL B 56 -8.40 6.96 0.54
C VAL B 56 -7.64 5.98 1.43
N ILE B 57 -8.40 5.19 2.19
CA ILE B 57 -7.87 4.09 2.99
C ILE B 57 -8.55 2.82 2.53
N ILE B 58 -7.77 1.81 2.17
CA ILE B 58 -8.32 0.58 1.61
C ILE B 58 -7.86 -0.62 2.44
N PRO B 59 -8.58 -1.73 2.43
CA PRO B 59 -8.10 -2.94 3.12
C PRO B 59 -6.79 -3.41 2.52
N PRO B 60 -5.87 -3.93 3.34
CA PRO B 60 -6.04 -4.15 4.78
C PRO B 60 -5.57 -2.99 5.65
N GLY B 61 -5.78 -1.75 5.21
CA GLY B 61 -5.35 -0.61 5.97
C GLY B 61 -4.23 0.18 5.32
N ILE B 62 -4.29 0.31 4.00
CA ILE B 62 -3.33 1.11 3.24
C ILE B 62 -3.99 2.44 2.88
N LYS B 63 -3.30 3.53 3.15
CA LYS B 63 -3.81 4.87 2.88
C LYS B 63 -3.16 5.42 1.61
N PHE B 64 -3.99 5.89 0.68
CA PHE B 64 -3.52 6.49 -0.57
C PHE B 64 -3.46 8.00 -0.43
N THR B 65 -2.45 8.60 -1.07
CA THR B 65 -2.22 10.04 -0.93
C THR B 65 -1.55 10.57 -2.18
N VAL B 66 -2.07 11.68 -2.70
CA VAL B 66 -1.39 12.45 -3.75
C VAL B 66 -0.34 13.32 -3.07
N VAL B 67 0.82 13.49 -3.72
CA VAL B 67 1.91 14.27 -3.13
C VAL B 67 2.77 14.83 -4.25
N THR B 68 3.47 15.93 -3.95
CA THR B 68 4.34 16.62 -4.90
C THR B 68 5.78 16.22 -4.64
N VAL B 69 6.51 15.86 -5.69
CA VAL B 69 7.93 15.54 -5.58
C VAL B 69 8.72 16.60 -6.32
N LYS B 70 9.61 17.27 -5.59
CA LYS B 70 10.36 18.38 -6.17
C LYS B 70 11.34 17.88 -7.23
N ALA B 71 11.63 18.76 -8.20
CA ALA B 71 12.41 18.39 -9.36
C ALA B 71 13.86 18.07 -8.97
N LYS B 72 14.47 17.15 -9.71
CA LYS B 72 15.82 16.71 -9.45
C LYS B 72 16.65 16.87 -10.71
N PRO B 73 17.79 17.56 -10.66
CA PRO B 73 18.57 17.77 -11.88
C PRO B 73 19.31 16.52 -12.35
N ALA B 74 20.03 16.65 -13.47
CA ALA B 74 20.79 15.54 -14.02
C ALA B 74 22.13 15.39 -13.32
N ARG B 75 22.73 14.22 -13.49
CA ARG B 75 24.00 13.88 -12.86
C ARG B 75 24.51 12.61 -13.51
N GLN B 76 25.74 12.64 -14.04
CA GLN B 76 26.22 11.50 -14.80
C GLN B 76 26.74 10.42 -13.87
N GLY B 77 26.10 9.25 -13.90
CA GLY B 77 26.54 8.11 -13.14
C GLY B 77 27.54 7.26 -13.90
N HIS B 78 28.06 6.25 -13.22
CA HIS B 78 29.08 5.36 -13.74
C HIS B 78 28.65 3.91 -13.52
N ASN B 79 28.94 3.05 -14.47
CA ASN B 79 28.60 1.65 -14.23
C ASN B 79 29.85 0.90 -13.80
N PRO B 80 29.79 0.12 -12.70
CA PRO B 80 30.99 -0.62 -12.30
C PRO B 80 31.35 -1.74 -13.28
N ALA B 81 30.35 -2.44 -13.80
CA ALA B 81 30.62 -3.60 -14.64
C ALA B 81 31.07 -3.20 -16.04
N THR B 82 30.30 -2.35 -16.72
CA THR B 82 30.60 -1.96 -18.09
C THR B 82 31.56 -0.78 -18.19
N GLY B 83 31.83 -0.09 -17.09
CA GLY B 83 32.80 0.98 -17.07
C GLY B 83 32.44 2.21 -17.89
N GLU B 84 31.18 2.37 -18.29
CA GLU B 84 30.79 3.49 -19.10
C GLU B 84 29.97 4.48 -18.29
N PRO B 85 30.35 5.77 -18.30
CA PRO B 85 29.53 6.78 -17.62
C PRO B 85 28.15 6.87 -18.22
N ILE B 86 27.14 6.82 -17.36
CA ILE B 86 25.73 6.74 -17.77
C ILE B 86 24.99 7.91 -17.14
N GLN B 87 24.58 8.87 -17.98
CA GLN B 87 23.87 10.05 -17.50
C GLN B 87 22.41 9.70 -17.20
N ILE B 88 21.92 10.14 -16.04
CA ILE B 88 20.49 10.05 -15.74
C ILE B 88 19.84 11.37 -16.13
N LYS B 89 18.67 11.28 -16.74
CA LYS B 89 17.99 12.48 -17.22
C LYS B 89 17.35 13.21 -16.05
N ALA B 90 17.52 14.53 -16.03
CA ALA B 90 16.94 15.35 -14.97
C ALA B 90 15.45 15.11 -14.88
N LYS B 91 14.97 14.92 -13.66
CA LYS B 91 13.56 14.62 -13.46
C LYS B 91 12.83 15.87 -12.98
N PRO B 92 11.88 16.39 -13.74
CA PRO B 92 11.16 17.59 -13.31
C PRO B 92 10.21 17.32 -12.16
N GLU B 93 9.55 18.38 -11.67
CA GLU B 93 8.53 18.22 -10.66
C GLU B 93 7.33 17.46 -11.23
N HIS B 94 6.69 16.67 -10.37
CA HIS B 94 5.51 15.91 -10.75
C HIS B 94 4.79 15.46 -9.48
N LYS B 95 3.58 14.97 -9.65
CA LYS B 95 2.82 14.37 -8.57
C LYS B 95 3.03 12.86 -8.55
N ALA B 96 2.98 12.28 -7.36
CA ALA B 96 3.19 10.84 -7.19
C ALA B 96 2.25 10.34 -6.11
N VAL B 97 1.74 9.12 -6.29
CA VAL B 97 0.81 8.52 -5.35
C VAL B 97 1.63 7.89 -4.22
N LYS B 98 1.51 8.43 -3.01
CA LYS B 98 2.24 7.93 -1.86
C LYS B 98 1.30 7.11 -0.98
N ILE B 99 1.69 5.86 -0.71
CA ILE B 99 0.96 4.98 0.18
C ILE B 99 1.75 4.82 1.47
N ARG B 100 1.04 4.44 2.52
CA ARG B 100 1.69 4.15 3.79
C ARG B 100 0.80 3.22 4.60
N ALA B 101 1.43 2.29 5.32
CA ALA B 101 0.67 1.31 6.08
C ALA B 101 0.09 1.92 7.35
N LEU B 102 -0.93 1.25 7.88
CA LEU B 102 -1.63 1.71 9.07
C LEU B 102 -1.85 0.49 9.96
N LYS B 103 -2.73 0.64 10.98
CA LYS B 103 -2.75 -0.25 12.14
C LYS B 103 -2.78 -1.75 11.83
N PRO B 104 -3.72 -2.27 11.03
CA PRO B 104 -3.78 -3.73 10.87
C PRO B 104 -2.66 -4.32 10.05
N VAL B 105 -1.96 -3.51 9.24
CA VAL B 105 -0.92 -4.05 8.38
C VAL B 105 0.26 -4.56 9.21
N HIS B 106 0.74 -3.75 10.16
CA HIS B 106 1.83 -4.21 11.02
C HIS B 106 1.36 -5.30 11.97
N ASP B 107 0.11 -5.20 12.44
CA ASP B 107 -0.43 -6.23 13.33
C ASP B 107 -0.54 -7.59 12.66
N MET B 108 -0.41 -7.65 11.33
CA MET B 108 -0.57 -8.90 10.60
C MET B 108 0.44 -9.97 11.03
N LEU B 109 1.58 -9.55 11.58
CA LEU B 109 2.58 -10.48 12.11
C LEU B 109 2.41 -10.72 13.60
N ASN B 110 1.23 -10.50 14.15
CA ASN B 110 0.91 -10.90 15.50
C ASN B 110 -0.10 -12.03 15.47
#